data_6YL7
#
_entry.id   6YL7
#
_cell.length_a   88.738
_cell.length_b   88.738
_cell.length_c   112.428
_cell.angle_alpha   90.000
_cell.angle_beta   90.000
_cell.angle_gamma   120.000
#
_symmetry.space_group_name_H-M   'P 64 2 2'
#
loop_
_entity.id
_entity.type
_entity.pdbx_description
1 polymer 'Beta carbonic anhydrase'
2 non-polymer 'ZINC ION'
3 water water
#
_entity_poly.entity_id   1
_entity_poly.type   'polypeptide(L)'
_entity_poly.pdbx_seq_one_letter_code
;MNKNDHPLSHLFDNNDAWVKRKLADDPQYFSRLADQQAPEYLWIGCSDSRVPANQIIGLPPGEVFVHRNIANVVVHTDLN
CLSVIQFAVDLLKVKHVMVVGHYGCSGVNAALHNRRVGLADNWLHHVQDVREKHAALLEDWPLGEARYRRLIELNAIEQV
VNVCRTTIVNDAWARGQPLTVHALVYGVHDGRMRNLGMAVSHAEQLDATYRRAVAALSASGAHSADNDVVAADAAQLAGA
VDLIAQTIKETKHDGC
;
_entity_poly.pdbx_strand_id   A
#
loop_
_chem_comp.id
_chem_comp.type
_chem_comp.name
_chem_comp.formula
ZN non-polymer 'ZINC ION' 'Zn 2'
#
# COMPACT_ATOMS: atom_id res chain seq x y z
N SER A 9 -15.20 -1.11 -32.91
CA SER A 9 -15.17 -2.03 -31.73
C SER A 9 -15.04 -1.25 -30.41
N HIS A 10 -14.59 0.02 -30.49
CA HIS A 10 -14.35 1.00 -29.37
C HIS A 10 -12.98 0.72 -28.76
N LEU A 11 -12.72 -0.55 -28.41
CA LEU A 11 -11.45 -1.01 -27.80
C LEU A 11 -10.90 -2.19 -28.60
N PHE A 12 -11.33 -2.33 -29.88
CA PHE A 12 -10.80 -3.35 -30.83
C PHE A 12 -9.33 -3.60 -30.49
N ASP A 13 -8.55 -2.51 -30.49
CA ASP A 13 -7.12 -2.40 -30.09
C ASP A 13 -6.78 -3.30 -28.89
N ASN A 14 -7.60 -3.27 -27.84
CA ASN A 14 -7.25 -3.89 -26.54
C ASN A 14 -7.50 -5.40 -26.62
N ASN A 15 -8.67 -5.79 -27.11
CA ASN A 15 -9.01 -7.21 -27.35
C ASN A 15 -7.98 -7.79 -28.33
N ASP A 16 -7.38 -6.95 -29.17
CA ASP A 16 -6.30 -7.36 -30.10
C ASP A 16 -5.01 -7.64 -29.31
N ALA A 17 -4.54 -6.64 -28.54
CA ALA A 17 -3.33 -6.66 -27.66
C ALA A 17 -3.53 -7.75 -26.58
N TRP A 18 -4.66 -8.45 -26.63
CA TRP A 18 -5.07 -9.47 -25.66
C TRP A 18 -4.92 -10.88 -26.22
N VAL A 19 -5.56 -11.18 -27.37
CA VAL A 19 -5.35 -12.47 -28.11
C VAL A 19 -3.87 -12.59 -28.46
N LYS A 20 -3.22 -11.44 -28.64
CA LYS A 20 -1.74 -11.29 -28.77
C LYS A 20 -1.09 -11.87 -27.52
N ARG A 21 -1.46 -11.34 -26.34
CA ARG A 21 -0.97 -11.81 -25.01
C ARG A 21 -1.14 -13.32 -24.93
N LYS A 22 -2.39 -13.80 -25.00
CA LYS A 22 -2.79 -15.20 -24.71
C LYS A 22 -1.95 -16.16 -25.55
N LEU A 23 -1.78 -15.87 -26.84
CA LEU A 23 -0.81 -16.56 -27.72
C LEU A 23 0.53 -16.69 -26.98
N ALA A 24 1.18 -15.55 -26.68
CA ALA A 24 2.56 -15.43 -26.15
C ALA A 24 2.83 -16.51 -25.09
N ASP A 25 1.79 -17.03 -24.42
CA ASP A 25 1.91 -18.09 -23.40
C ASP A 25 1.47 -19.43 -24.02
N ASP A 26 2.36 -20.03 -24.80
CA ASP A 26 2.31 -21.46 -25.20
C ASP A 26 2.40 -22.33 -23.94
N PRO A 27 3.31 -22.07 -22.98
CA PRO A 27 3.43 -22.89 -21.76
C PRO A 27 2.09 -23.22 -21.10
N GLN A 28 1.36 -24.23 -21.59
CA GLN A 28 -0.10 -24.40 -21.33
C GLN A 28 -0.34 -24.44 -19.81
N TYR A 29 -0.53 -23.26 -19.19
CA TYR A 29 -0.33 -23.01 -17.73
C TYR A 29 -1.36 -22.06 -17.08
N PHE A 30 -2.19 -21.34 -17.83
CA PHE A 30 -3.38 -20.60 -17.30
C PHE A 30 -4.16 -21.49 -16.31
N SER A 31 -4.22 -22.79 -16.65
CA SER A 31 -4.51 -23.94 -15.77
C SER A 31 -3.76 -23.86 -14.42
N ARG A 32 -2.45 -23.57 -14.44
CA ARG A 32 -1.56 -23.40 -13.24
C ARG A 32 -2.03 -22.23 -12.37
N LEU A 33 -2.44 -21.11 -12.98
CA LEU A 33 -2.91 -19.90 -12.23
C LEU A 33 -4.27 -20.21 -11.61
N ALA A 34 -5.17 -20.83 -12.38
CA ALA A 34 -6.55 -21.18 -11.95
C ALA A 34 -6.52 -22.24 -10.83
N ASP A 35 -5.33 -22.75 -10.51
CA ASP A 35 -5.10 -23.82 -9.50
C ASP A 35 -4.14 -23.31 -8.43
N GLN A 36 -4.21 -22.02 -8.05
CA GLN A 36 -3.06 -21.28 -7.46
C GLN A 36 -3.08 -21.24 -5.92
N GLN A 37 -4.10 -21.78 -5.24
CA GLN A 37 -4.22 -21.83 -3.75
C GLN A 37 -4.53 -20.41 -3.23
N ALA A 38 -4.56 -20.20 -1.91
CA ALA A 38 -4.86 -18.88 -1.31
C ALA A 38 -3.67 -17.95 -1.50
N PRO A 39 -3.86 -16.61 -1.55
CA PRO A 39 -2.76 -15.67 -1.38
C PRO A 39 -2.29 -15.73 0.07
N GLU A 40 -1.03 -15.35 0.33
CA GLU A 40 -0.48 -15.21 1.70
C GLU A 40 -0.07 -13.76 1.95
N TYR A 41 -0.40 -12.84 1.03
CA TYR A 41 -0.08 -11.40 1.15
C TYR A 41 -1.27 -10.52 0.77
N LEU A 42 -1.57 -9.52 1.61
CA LEU A 42 -2.40 -8.35 1.24
C LEU A 42 -1.50 -7.13 1.01
N TRP A 43 -1.64 -6.52 -0.16
CA TRP A 43 -0.92 -5.30 -0.64
C TRP A 43 -1.92 -4.17 -0.90
N ILE A 44 -1.92 -3.16 -0.03
CA ILE A 44 -2.64 -1.88 -0.20
C ILE A 44 -1.71 -0.87 -0.88
N GLY A 45 -2.13 -0.33 -2.02
CA GLY A 45 -1.30 0.54 -2.87
C GLY A 45 -2.09 1.71 -3.45
N CYS A 46 -1.39 2.61 -4.13
CA CYS A 46 -1.97 3.76 -4.86
C CYS A 46 -2.59 3.27 -6.16
N SER A 47 -3.75 3.81 -6.50
CA SER A 47 -4.37 3.66 -7.84
C SER A 47 -3.32 3.94 -8.92
N ASP A 48 -2.40 4.89 -8.69
CA ASP A 48 -1.22 5.14 -9.57
C ASP A 48 -0.48 3.81 -9.76
N SER A 49 -1.19 2.77 -10.18
CA SER A 49 -0.64 1.41 -10.34
C SER A 49 0.47 1.50 -11.39
N ARG A 50 1.58 2.12 -11.01
CA ARG A 50 2.80 2.23 -11.85
C ARG A 50 3.26 0.81 -12.19
N VAL A 51 3.29 -0.09 -11.20
CA VAL A 51 3.83 -1.49 -11.30
C VAL A 51 2.92 -2.43 -10.49
N PRO A 52 2.59 -3.63 -11.00
CA PRO A 52 1.70 -4.54 -10.29
C PRO A 52 2.40 -5.22 -9.10
N ALA A 53 1.77 -5.20 -7.94
CA ALA A 53 2.31 -5.74 -6.66
C ALA A 53 3.21 -6.95 -6.93
N ASN A 54 2.63 -8.05 -7.41
CA ASN A 54 3.36 -9.31 -7.68
C ASN A 54 4.66 -9.01 -8.43
N GLN A 55 4.55 -8.35 -9.58
CA GLN A 55 5.65 -8.20 -10.57
C GLN A 55 6.87 -7.65 -9.83
N ILE A 56 6.67 -6.51 -9.17
CA ILE A 56 7.70 -5.84 -8.33
C ILE A 56 8.41 -6.92 -7.53
N ILE A 57 7.63 -7.60 -6.70
CA ILE A 57 8.10 -8.51 -5.62
C ILE A 57 8.45 -9.88 -6.21
N GLY A 58 8.21 -10.05 -7.52
CA GLY A 58 8.71 -11.17 -8.35
C GLY A 58 7.90 -12.44 -8.13
N LEU A 59 6.64 -12.31 -7.76
CA LEU A 59 5.72 -13.45 -7.45
C LEU A 59 4.84 -13.71 -8.65
N PRO A 60 4.19 -14.90 -8.71
CA PRO A 60 3.09 -15.12 -9.63
C PRO A 60 1.93 -14.18 -9.31
N PRO A 61 1.13 -13.79 -10.32
CA PRO A 61 -0.11 -13.05 -10.06
C PRO A 61 -1.00 -13.81 -9.08
N GLY A 62 -1.86 -13.10 -8.35
CA GLY A 62 -2.86 -13.71 -7.45
C GLY A 62 -2.22 -14.27 -6.19
N GLU A 63 -0.92 -14.55 -6.21
CA GLU A 63 -0.12 -14.88 -4.99
C GLU A 63 -0.22 -13.70 -4.01
N VAL A 64 -0.63 -12.54 -4.52
CA VAL A 64 -0.82 -11.25 -3.80
C VAL A 64 -2.26 -10.76 -3.99
N PHE A 65 -3.03 -10.68 -2.90
CA PHE A 65 -4.39 -10.09 -2.86
C PHE A 65 -4.29 -8.57 -2.71
N VAL A 66 -5.06 -7.78 -3.47
CA VAL A 66 -4.66 -6.36 -3.72
C VAL A 66 -5.84 -5.38 -3.62
N HIS A 67 -5.66 -4.31 -2.85
CA HIS A 67 -6.50 -3.07 -2.86
C HIS A 67 -5.69 -1.91 -3.43
N ARG A 68 -6.37 -0.95 -4.05
CA ARG A 68 -5.77 0.28 -4.62
C ARG A 68 -6.76 1.42 -4.47
N ASN A 69 -6.39 2.43 -3.67
CA ASN A 69 -7.11 3.72 -3.56
C ASN A 69 -6.10 4.82 -3.83
N ILE A 70 -6.56 6.06 -4.06
CA ILE A 70 -5.63 7.19 -4.31
C ILE A 70 -4.83 7.31 -3.01
N ALA A 71 -3.51 7.16 -3.10
CA ALA A 71 -2.54 7.46 -2.02
C ALA A 71 -2.57 6.35 -0.95
N ASN A 72 -2.89 5.13 -1.36
CA ASN A 72 -2.84 3.94 -0.47
C ASN A 72 -3.25 4.40 0.94
N VAL A 73 -4.41 5.03 1.02
CA VAL A 73 -4.99 5.54 2.30
C VAL A 73 -5.82 4.44 2.94
N VAL A 74 -5.62 4.21 4.23
CA VAL A 74 -6.50 3.36 5.08
C VAL A 74 -7.26 4.31 6.00
N VAL A 75 -8.57 4.43 5.78
CA VAL A 75 -9.44 5.19 6.72
C VAL A 75 -9.96 4.20 7.77
N HIS A 76 -10.07 4.68 9.02
CA HIS A 76 -10.56 3.93 10.21
C HIS A 76 -11.93 3.34 9.89
N THR A 77 -12.67 4.01 9.00
CA THR A 77 -14.12 3.83 8.73
C THR A 77 -14.41 3.56 7.25
N ASP A 78 -13.40 3.51 6.37
CA ASP A 78 -13.60 3.21 4.93
C ASP A 78 -13.84 1.71 4.81
N LEU A 79 -15.10 1.35 4.66
CA LEU A 79 -15.51 -0.06 4.55
C LEU A 79 -15.07 -0.62 3.20
N ASN A 80 -14.73 0.21 2.22
CA ASN A 80 -14.21 -0.29 0.92
C ASN A 80 -12.96 -1.11 1.21
N CYS A 81 -12.08 -0.55 2.04
CA CYS A 81 -10.75 -1.13 2.37
C CYS A 81 -10.91 -2.20 3.46
N LEU A 82 -11.47 -1.82 4.61
CA LEU A 82 -11.74 -2.75 5.73
C LEU A 82 -12.34 -4.06 5.21
N SER A 83 -13.36 -4.00 4.34
CA SER A 83 -13.99 -5.20 3.73
C SER A 83 -12.89 -6.03 3.09
N VAL A 84 -12.02 -5.37 2.31
CA VAL A 84 -10.87 -6.03 1.63
C VAL A 84 -10.00 -6.73 2.69
N ILE A 85 -9.84 -6.11 3.86
CA ILE A 85 -8.90 -6.58 4.94
C ILE A 85 -9.55 -7.71 5.74
N GLN A 86 -10.80 -7.54 6.18
CA GLN A 86 -11.52 -8.60 6.90
C GLN A 86 -11.46 -9.86 6.03
N PHE A 87 -11.73 -9.71 4.74
CA PHE A 87 -11.73 -10.83 3.75
C PHE A 87 -10.35 -11.51 3.74
N ALA A 88 -9.31 -10.72 3.46
CA ALA A 88 -7.94 -11.22 3.21
C ALA A 88 -7.41 -11.92 4.47
N VAL A 89 -7.56 -11.22 5.59
CA VAL A 89 -7.15 -11.68 6.94
C VAL A 89 -7.99 -12.90 7.35
N ASP A 90 -9.28 -12.68 7.64
CA ASP A 90 -10.19 -13.64 8.34
C ASP A 90 -10.44 -14.88 7.46
N LEU A 91 -10.38 -14.74 6.14
CA LEU A 91 -10.92 -15.76 5.19
C LEU A 91 -9.84 -16.32 4.27
N LEU A 92 -8.81 -15.56 3.96
CA LEU A 92 -7.71 -16.14 3.16
C LEU A 92 -6.50 -16.36 4.08
N LYS A 93 -6.70 -16.06 5.38
CA LYS A 93 -5.67 -16.20 6.44
C LYS A 93 -4.31 -15.92 5.78
N VAL A 94 -4.14 -14.70 5.25
CA VAL A 94 -2.84 -14.18 4.73
C VAL A 94 -1.90 -13.97 5.93
N LYS A 95 -0.60 -14.18 5.74
CA LYS A 95 0.40 -14.16 6.85
C LYS A 95 0.81 -12.71 7.14
N HIS A 96 0.86 -11.85 6.09
CA HIS A 96 1.42 -10.47 6.11
C HIS A 96 0.53 -9.50 5.32
N VAL A 97 0.07 -8.42 5.96
CA VAL A 97 -0.53 -7.23 5.28
C VAL A 97 0.56 -6.19 5.10
N MET A 98 0.56 -5.44 3.99
CA MET A 98 1.56 -4.35 3.76
C MET A 98 1.03 -3.20 2.91
N VAL A 99 0.92 -2.01 3.52
CA VAL A 99 0.67 -0.68 2.89
C VAL A 99 1.91 -0.32 2.07
N VAL A 100 1.76 -0.01 0.79
CA VAL A 100 2.93 0.34 -0.06
C VAL A 100 2.70 1.69 -0.76
N GLY A 101 3.33 2.75 -0.25
CA GLY A 101 3.50 4.03 -0.95
C GLY A 101 4.43 3.87 -2.16
N HIS A 102 4.41 4.84 -3.07
CA HIS A 102 5.34 4.89 -4.23
C HIS A 102 5.80 6.34 -4.47
N TYR A 103 7.10 6.52 -4.68
CA TYR A 103 7.75 7.84 -4.92
C TYR A 103 7.18 8.42 -6.21
N GLY A 104 6.84 9.70 -6.18
CA GLY A 104 6.25 10.41 -7.33
C GLY A 104 4.76 10.20 -7.41
N CYS A 105 4.13 9.73 -6.31
CA CYS A 105 2.67 9.51 -6.19
C CYS A 105 1.93 10.83 -6.32
N SER A 106 1.05 10.90 -7.33
CA SER A 106 0.23 12.08 -7.75
C SER A 106 -0.66 12.56 -6.62
N GLY A 107 -1.29 11.62 -5.91
CA GLY A 107 -2.13 11.88 -4.74
C GLY A 107 -1.36 12.69 -3.71
N VAL A 108 -0.14 12.27 -3.38
CA VAL A 108 0.71 12.90 -2.32
C VAL A 108 1.21 14.26 -2.85
N ASN A 109 1.72 14.31 -4.08
CA ASN A 109 2.19 15.57 -4.73
C ASN A 109 1.05 16.59 -4.77
N ALA A 110 -0.17 16.17 -5.13
CA ALA A 110 -1.34 17.06 -5.28
C ALA A 110 -1.74 17.64 -3.91
N ALA A 111 -1.55 16.88 -2.85
CA ALA A 111 -2.01 17.22 -1.49
C ALA A 111 -0.93 18.05 -0.81
N LEU A 112 0.31 17.56 -0.89
CA LEU A 112 1.53 18.25 -0.41
C LEU A 112 1.46 19.69 -0.93
N HIS A 113 1.45 19.87 -2.25
CA HIS A 113 1.28 21.18 -2.94
C HIS A 113 -0.22 21.49 -3.03
N ASN A 114 -0.81 21.73 -1.86
CA ASN A 114 -2.26 21.95 -1.58
C ASN A 114 -2.97 22.35 -2.88
N ARG A 115 -2.95 21.46 -3.88
CA ARG A 115 -3.54 21.72 -5.20
C ARG A 115 -5.03 21.36 -5.11
N ARG A 116 -5.94 22.30 -5.41
CA ARG A 116 -7.39 22.04 -5.60
C ARG A 116 -7.50 21.05 -6.77
N VAL A 117 -8.41 20.08 -6.66
CA VAL A 117 -8.54 18.90 -7.58
C VAL A 117 -10.01 18.54 -7.76
N GLY A 118 -10.86 18.87 -6.78
CA GLY A 118 -12.31 18.57 -6.79
C GLY A 118 -12.70 17.73 -5.60
N LEU A 119 -13.18 16.51 -5.84
CA LEU A 119 -13.71 15.61 -4.78
C LEU A 119 -12.57 14.91 -4.05
N ALA A 120 -11.62 14.35 -4.79
CA ALA A 120 -10.53 13.55 -4.21
C ALA A 120 -9.79 14.43 -3.18
N ASP A 121 -9.83 15.74 -3.37
CA ASP A 121 -9.31 16.69 -2.36
C ASP A 121 -9.73 16.16 -0.98
N ASN A 122 -10.97 15.75 -0.84
CA ASN A 122 -11.58 15.37 0.47
C ASN A 122 -10.86 14.13 1.02
N TRP A 123 -10.61 13.15 0.15
CA TRP A 123 -9.87 11.90 0.50
C TRP A 123 -8.42 12.27 0.84
N LEU A 124 -7.81 13.22 0.12
CA LEU A 124 -6.39 13.61 0.32
C LEU A 124 -6.20 14.42 1.62
N HIS A 125 -7.28 14.97 2.19
CA HIS A 125 -7.25 15.57 3.55
C HIS A 125 -6.70 14.54 4.53
N HIS A 126 -6.84 13.26 4.20
CA HIS A 126 -6.29 12.13 5.00
C HIS A 126 -4.76 12.17 4.92
N VAL A 127 -4.21 12.50 3.76
CA VAL A 127 -2.73 12.65 3.56
C VAL A 127 -2.29 14.00 4.13
N GLN A 128 -3.07 15.07 3.94
CA GLN A 128 -2.77 16.40 4.57
C GLN A 128 -2.76 16.25 6.10
N ASP A 129 -3.48 15.28 6.65
CA ASP A 129 -3.56 15.06 8.12
C ASP A 129 -2.21 14.50 8.60
N VAL A 130 -1.51 13.77 7.74
CA VAL A 130 -0.17 13.22 8.05
C VAL A 130 0.84 14.37 7.94
N ARG A 131 0.69 15.22 6.92
CA ARG A 131 1.52 16.44 6.76
C ARG A 131 1.44 17.23 8.08
N GLU A 132 0.23 17.47 8.59
CA GLU A 132 -0.03 18.14 9.89
C GLU A 132 0.75 17.43 11.00
N LYS A 133 0.38 16.19 11.33
CA LYS A 133 0.90 15.50 12.55
C LYS A 133 2.43 15.46 12.57
N HIS A 134 3.11 15.49 11.41
CA HIS A 134 4.59 15.48 11.32
C HIS A 134 5.10 16.77 10.71
N ALA A 135 4.38 17.87 10.90
CA ALA A 135 4.70 19.20 10.33
C ALA A 135 6.14 19.52 10.67
N ALA A 136 6.45 19.48 11.97
CA ALA A 136 7.77 19.73 12.59
C ALA A 136 8.84 18.95 11.83
N LEU A 137 8.74 17.62 11.88
CA LEU A 137 9.65 16.67 11.21
C LEU A 137 9.93 17.17 9.79
N LEU A 138 8.87 17.53 9.05
CA LEU A 138 8.93 17.78 7.59
C LEU A 138 9.62 19.12 7.30
N GLU A 139 9.74 19.99 8.30
CA GLU A 139 10.39 21.31 8.11
C GLU A 139 11.89 21.13 7.88
N ASP A 140 12.55 20.32 8.70
CA ASP A 140 14.04 20.24 8.79
C ASP A 140 14.58 19.55 7.52
N TRP A 141 13.70 19.27 6.56
CA TRP A 141 14.04 18.98 5.14
C TRP A 141 13.56 20.17 4.29
N PRO A 142 14.17 21.36 4.44
CA PRO A 142 13.61 22.59 3.87
C PRO A 142 13.29 22.58 2.36
N LEU A 143 13.30 21.44 1.67
CA LEU A 143 13.34 21.39 0.19
C LEU A 143 11.95 21.11 -0.39
N GLY A 144 11.95 20.44 -1.55
CA GLY A 144 10.80 19.76 -2.14
C GLY A 144 11.02 18.25 -2.18
N GLU A 145 11.82 17.76 -3.13
CA GLU A 145 12.05 16.30 -3.38
C GLU A 145 12.22 15.59 -2.04
N ALA A 146 13.02 16.15 -1.13
CA ALA A 146 13.37 15.58 0.20
C ALA A 146 12.10 15.36 1.03
N ARG A 147 11.36 16.45 1.30
CA ARG A 147 10.03 16.38 1.94
C ARG A 147 9.20 15.31 1.22
N TYR A 148 8.76 15.62 -0.01
CA TYR A 148 7.87 14.78 -0.83
C TYR A 148 8.14 13.30 -0.47
N ARG A 149 9.33 12.81 -0.77
CA ARG A 149 9.80 11.45 -0.39
C ARG A 149 9.41 11.19 1.08
N ARG A 150 9.98 11.95 2.02
CA ARG A 150 9.75 11.76 3.47
C ARG A 150 8.25 11.71 3.76
N LEU A 151 7.45 12.55 3.11
CA LEU A 151 5.97 12.53 3.31
C LEU A 151 5.39 11.18 2.85
N ILE A 152 5.69 10.74 1.62
CA ILE A 152 5.01 9.54 1.07
C ILE A 152 5.41 8.35 1.94
N GLU A 153 6.62 8.40 2.50
CA GLU A 153 7.20 7.37 3.41
C GLU A 153 6.38 7.32 4.70
N LEU A 154 6.24 8.46 5.37
CA LEU A 154 5.44 8.64 6.61
C LEU A 154 3.95 8.34 6.35
N ASN A 155 3.48 8.57 5.13
CA ASN A 155 2.10 8.20 4.74
C ASN A 155 1.94 6.70 5.01
N ALA A 156 2.84 5.91 4.42
CA ALA A 156 2.80 4.43 4.41
C ALA A 156 2.79 3.91 5.85
N ILE A 157 3.38 4.66 6.79
CA ILE A 157 3.49 4.21 8.21
C ILE A 157 2.17 4.54 8.93
N GLU A 158 1.66 5.76 8.80
CA GLU A 158 0.49 6.17 9.61
C GLU A 158 -0.69 5.38 9.06
N GLN A 159 -0.59 4.95 7.81
CA GLN A 159 -1.58 4.01 7.21
C GLN A 159 -1.52 2.68 7.97
N VAL A 160 -0.34 2.10 8.11
CA VAL A 160 -0.11 0.87 8.94
C VAL A 160 -0.65 1.11 10.36
N VAL A 161 -0.38 2.27 10.96
CA VAL A 161 -0.92 2.62 12.31
C VAL A 161 -2.44 2.46 12.23
N ASN A 162 -3.06 2.82 11.10
CA ASN A 162 -4.53 2.76 10.89
C ASN A 162 -5.03 1.30 10.79
N VAL A 163 -4.40 0.49 9.93
CA VAL A 163 -4.63 -0.98 9.85
C VAL A 163 -4.62 -1.55 11.27
N CYS A 164 -3.50 -1.38 11.96
CA CYS A 164 -3.21 -2.08 13.23
C CYS A 164 -4.23 -1.64 14.27
N ARG A 165 -4.80 -0.44 14.14
CA ARG A 165 -5.85 0.06 15.05
C ARG A 165 -7.21 -0.55 14.64
N THR A 166 -7.38 -1.05 13.41
CA THR A 166 -8.67 -1.68 13.00
C THR A 166 -9.00 -2.80 13.97
N THR A 167 -10.29 -2.98 14.25
CA THR A 167 -10.81 -4.07 15.11
C THR A 167 -10.34 -5.39 14.51
N ILE A 168 -10.58 -5.57 13.21
CA ILE A 168 -10.24 -6.80 12.43
C ILE A 168 -8.93 -7.38 12.94
N VAL A 169 -7.88 -6.58 12.84
CA VAL A 169 -6.48 -6.96 13.17
C VAL A 169 -6.43 -7.31 14.66
N ASN A 170 -6.72 -6.35 15.55
CA ASN A 170 -6.67 -6.57 17.03
C ASN A 170 -7.32 -7.92 17.36
N ASP A 171 -8.54 -8.13 16.84
CA ASP A 171 -9.36 -9.36 16.98
C ASP A 171 -8.59 -10.58 16.46
N ALA A 172 -7.84 -10.45 15.36
CA ALA A 172 -7.07 -11.56 14.73
C ALA A 172 -5.90 -11.95 15.61
N TRP A 173 -5.22 -10.96 16.21
CA TRP A 173 -4.14 -11.17 17.19
C TRP A 173 -4.75 -11.78 18.43
N ALA A 174 -5.82 -11.16 18.95
CA ALA A 174 -6.58 -11.62 20.13
C ALA A 174 -6.84 -13.12 20.06
N ARG A 175 -7.24 -13.64 18.89
CA ARG A 175 -7.61 -15.07 18.69
C ARG A 175 -6.41 -15.87 18.18
N GLY A 176 -5.19 -15.33 18.36
CA GLY A 176 -3.91 -16.03 18.17
C GLY A 176 -3.61 -16.36 16.71
N GLN A 177 -4.14 -15.59 15.75
CA GLN A 177 -3.78 -15.73 14.32
C GLN A 177 -2.46 -15.02 14.08
N PRO A 178 -1.41 -15.73 13.61
CA PRO A 178 -0.12 -15.12 13.31
C PRO A 178 -0.28 -14.17 12.12
N LEU A 179 0.11 -12.91 12.30
CA LEU A 179 -0.04 -11.86 11.26
C LEU A 179 0.91 -10.71 11.54
N THR A 180 1.38 -10.03 10.48
CA THR A 180 2.32 -8.90 10.61
C THR A 180 2.14 -7.90 9.45
N VAL A 181 2.24 -6.62 9.78
CA VAL A 181 1.78 -5.46 8.95
C VAL A 181 2.98 -4.55 8.71
N HIS A 182 3.39 -4.39 7.47
CA HIS A 182 4.61 -3.65 7.09
C HIS A 182 4.24 -2.29 6.48
N ALA A 183 4.86 -1.21 6.97
CA ALA A 183 5.05 0.09 6.27
C ALA A 183 6.17 -0.07 5.25
N LEU A 184 5.84 0.06 3.96
CA LEU A 184 6.77 -0.20 2.82
C LEU A 184 6.57 0.82 1.70
N VAL A 185 7.64 1.07 0.94
CA VAL A 185 7.66 2.09 -0.14
C VAL A 185 8.60 1.59 -1.25
N TYR A 186 8.31 1.98 -2.49
CA TYR A 186 9.09 1.59 -3.69
C TYR A 186 9.13 2.75 -4.69
N GLY A 187 10.28 2.90 -5.34
CA GLY A 187 10.56 3.94 -6.34
C GLY A 187 10.26 3.46 -7.75
N VAL A 188 9.31 4.09 -8.42
CA VAL A 188 9.06 3.88 -9.88
C VAL A 188 10.37 4.17 -10.60
N HIS A 189 11.11 5.19 -10.14
CA HIS A 189 12.45 5.57 -10.66
C HIS A 189 13.35 4.33 -10.78
N ASP A 190 13.71 3.65 -9.68
CA ASP A 190 14.81 2.65 -9.61
C ASP A 190 14.28 1.20 -9.50
N GLY A 191 12.99 1.02 -9.22
CA GLY A 191 12.37 -0.31 -8.98
C GLY A 191 12.57 -0.74 -7.54
N ARG A 192 13.83 -0.67 -7.09
CA ARG A 192 14.30 -0.92 -5.71
C ARG A 192 13.24 -0.47 -4.68
N MET A 193 13.05 -1.31 -3.67
CA MET A 193 11.92 -1.28 -2.71
C MET A 193 12.46 -1.14 -1.29
N ARG A 194 12.09 -0.07 -0.59
CA ARG A 194 12.70 0.29 0.72
C ARG A 194 11.91 -0.40 1.84
N ASN A 195 12.58 -1.19 2.70
CA ASN A 195 12.07 -1.51 4.06
C ASN A 195 12.10 -0.20 4.85
N LEU A 196 11.12 0.03 5.74
CA LEU A 196 11.11 1.26 6.58
C LEU A 196 11.39 0.89 8.04
N GLY A 197 11.73 -0.36 8.31
CA GLY A 197 11.82 -0.86 9.70
C GLY A 197 10.53 -0.59 10.40
N MET A 198 9.44 -0.94 9.72
CA MET A 198 8.04 -0.82 10.17
C MET A 198 7.31 -2.11 9.77
N ALA A 199 7.04 -2.99 10.74
CA ALA A 199 6.52 -4.36 10.55
C ALA A 199 6.02 -4.90 11.90
N VAL A 200 4.72 -4.73 12.17
CA VAL A 200 4.10 -4.97 13.51
C VAL A 200 3.43 -6.34 13.49
N SER A 201 3.42 -7.04 14.63
CA SER A 201 3.01 -8.48 14.73
C SER A 201 2.12 -8.76 15.94
N HIS A 202 2.32 -8.04 17.03
CA HIS A 202 1.38 -7.93 18.19
C HIS A 202 1.17 -6.42 18.38
N ALA A 203 0.33 -5.95 19.30
CA ALA A 203 0.23 -4.50 19.63
C ALA A 203 1.29 -4.10 20.68
N GLU A 204 2.58 -4.24 20.31
CA GLU A 204 3.75 -3.50 20.87
C GLU A 204 3.97 -2.31 19.93
N GLN A 205 2.88 -1.61 19.62
CA GLN A 205 2.78 -0.69 18.47
C GLN A 205 3.68 0.52 18.71
N LEU A 206 3.37 1.31 19.76
CA LEU A 206 4.05 2.59 20.10
C LEU A 206 5.55 2.42 19.85
N ASP A 207 6.17 1.40 20.45
CA ASP A 207 7.60 0.99 20.26
C ASP A 207 7.94 0.88 18.76
N ALA A 208 7.45 -0.17 18.08
CA ALA A 208 7.86 -0.58 16.71
C ALA A 208 7.77 0.58 15.70
N THR A 209 7.11 1.72 16.00
CA THR A 209 6.86 2.81 15.02
C THR A 209 7.72 4.04 15.33
N TYR A 210 7.69 4.53 16.57
CA TYR A 210 8.61 5.59 17.06
C TYR A 210 9.91 5.35 16.30
N ARG A 211 10.47 4.14 16.47
CA ARG A 211 11.65 3.60 15.73
C ARG A 211 11.60 4.13 14.29
N ARG A 212 10.67 3.55 13.51
CA ARG A 212 10.48 3.78 12.05
C ARG A 212 10.47 5.29 11.75
N ALA A 213 9.71 6.05 12.53
CA ALA A 213 9.53 7.53 12.39
C ALA A 213 10.84 8.26 12.70
N VAL A 214 11.53 7.88 13.78
CA VAL A 214 12.83 8.45 14.23
C VAL A 214 13.89 8.34 13.12
N ALA A 215 13.89 7.25 12.34
CA ALA A 215 14.71 7.08 11.12
C ALA A 215 14.18 8.03 10.04
N ALA A 216 13.96 9.29 10.41
CA ALA A 216 13.93 10.46 9.51
C ALA A 216 14.74 11.58 10.19
N LEU A 217 14.20 12.18 11.27
CA LEU A 217 14.95 12.98 12.28
C LEU A 217 16.17 13.65 11.66
N SER A 218 15.94 14.69 10.86
CA SER A 218 17.00 15.58 10.30
C SER A 218 17.74 16.29 11.45
ZN ZN B . 0.39 7.07 -6.12
#